data_5Z2Q
#
_entry.id   5Z2Q
#
_cell.length_a   113.931
_cell.length_b   113.931
_cell.length_c   144.357
_cell.angle_alpha   90.00
_cell.angle_beta   90.00
_cell.angle_gamma   120.00
#
_symmetry.space_group_name_H-M   'P 31 2 1'
#
loop_
_entity.id
_entity.type
_entity.pdbx_description
1 polymer 'Transcription cofactor vestigial-like protein 1'
2 polymer 'Transcription cofactor vestigial-like protein 1'
3 polymer 'Transcriptional enhancer factor TEF-3'
4 polymer 'Transcriptional enhancer factor TEF-3'
5 non-polymer 'PHOSPHATE ION'
6 water water
#
loop_
_entity_poly.entity_id
_entity_poly.type
_entity_poly.pdbx_seq_one_letter_code
_entity_poly.pdbx_strand_id
1 'polypeptide(L)' MGSSHHHHHHSQDPKTEWNAGSVIFTYFEGDINSMVDEHFSRALRNLK C
2 'polypeptide(L)' MGSSHHHHHHSQDPKTEWNAGSVIFTYFEGDINSMVDEHFSRALRNLKR D
3 'polypeptide(L)'
;MADLNWISMRSIASSKLWMLEFSAFLERQQDPDTYNKHLFVHISQSSPSYSDPYLETVDIRQIYDKFPEKKGGLKELFER
GPSNAFFLVKFWADLNTNIDDEGSAFYGVSSQYESPENMIITCSTKVCSFGKQVVEKVETEYARYENGHYLYRIHRSPLC
EYMINFIHKLKHLPEKYMMNSVLENFTILQVVTNRDTQETLLCIAYVFEVSASEHGAQHHIYRLVK
;
A
4 'polypeptide(L)'
;MADLDLNWISMRSIASSKLWMLEFSAFLERQQDPDTYNKHLFVHISQSSPSYSDPYLETVDIRQIYDKFPEKKGGLKELF
ERGPSNAFFLVKFWADLNTNIDDEGSAFYGVSSQYESPENMIITCSTKVCSFGKQVVEKVETEYARYENGHYLYRIHRSP
LCEYMINFIHKLKHLPEKYMMNSVLENFTILQVVTNRDTQETLLCIAYVFEVSASEHGAQHHIYRLVK
;
B
#
loop_
_chem_comp.id
_chem_comp.type
_chem_comp.name
_chem_comp.formula
PO4 non-polymer 'PHOSPHATE ION' 'O4 P -3'
#
# COMPACT_ATOMS: atom_id res chain seq x y z
N PRO A 14 12.40 -32.22 18.58
CA PRO A 14 12.20 -30.95 19.36
C PRO A 14 11.39 -31.13 20.65
N LYS A 15 11.93 -30.61 21.74
CA LYS A 15 11.21 -30.56 23.03
C LYS A 15 10.05 -29.55 22.89
N THR A 16 8.94 -29.85 23.58
CA THR A 16 7.72 -29.08 23.49
C THR A 16 7.26 -28.77 24.90
N GLU A 17 6.81 -27.54 25.10
CA GLU A 17 6.40 -27.07 26.40
C GLU A 17 5.22 -26.14 26.18
N TRP A 18 4.20 -26.29 26.98
CA TRP A 18 3.08 -25.36 27.06
C TRP A 18 3.27 -24.47 28.25
N ASN A 19 3.18 -23.17 28.02
CA ASN A 19 3.36 -22.18 29.06
C ASN A 19 2.60 -20.88 28.79
N ALA A 20 1.66 -20.55 29.70
CA ALA A 20 0.97 -19.25 29.73
C ALA A 20 0.27 -19.01 28.38
N GLY A 21 -0.45 -20.01 27.93
CA GLY A 21 -1.11 -19.94 26.65
C GLY A 21 -0.31 -20.11 25.39
N SER A 22 0.98 -20.33 25.47
CA SER A 22 1.72 -20.57 24.24
C SER A 22 2.57 -21.83 24.27
N VAL A 23 2.91 -22.27 23.07
CA VAL A 23 3.64 -23.48 22.86
C VAL A 23 5.06 -23.07 22.50
N ILE A 24 6.04 -23.57 23.24
CA ILE A 24 7.45 -23.28 22.99
C ILE A 24 8.15 -24.56 22.53
N PHE A 25 8.74 -24.51 21.34
CA PHE A 25 9.56 -25.63 20.86
C PHE A 25 11.04 -25.30 21.11
N THR A 26 11.72 -26.17 21.83
CA THR A 26 13.16 -26.08 21.99
C THR A 26 13.87 -27.09 21.07
N TYR A 27 14.86 -26.61 20.31
CA TYR A 27 15.57 -27.42 19.28
C TYR A 27 16.97 -27.93 19.71
N PHE A 28 17.31 -27.80 20.99
CA PHE A 28 18.59 -28.20 21.51
C PHE A 28 18.49 -28.92 22.85
N GLU A 29 19.41 -29.84 23.08
CA GLU A 29 19.33 -30.68 24.24
C GLU A 29 19.91 -30.20 25.54
N GLY A 30 20.79 -29.23 25.50
CA GLY A 30 21.39 -28.81 26.74
C GLY A 30 20.62 -27.85 27.61
N ASP A 31 21.37 -27.15 28.43
CA ASP A 31 20.87 -26.15 29.32
C ASP A 31 20.85 -24.85 28.52
N ILE A 32 19.96 -23.92 28.86
CA ILE A 32 19.86 -22.69 28.08
C ILE A 32 21.09 -21.81 28.16
N ASN A 33 21.63 -21.67 29.37
CA ASN A 33 22.82 -20.86 29.59
C ASN A 33 23.94 -21.32 28.67
N SER A 34 24.06 -22.63 28.49
CA SER A 34 25.08 -23.20 27.62
C SER A 34 24.81 -22.84 26.17
N MET A 35 23.54 -22.84 25.80
CA MET A 35 23.14 -22.50 24.43
C MET A 35 23.57 -21.09 24.08
N VAL A 36 23.28 -20.15 24.98
CA VAL A 36 23.64 -18.75 24.78
C VAL A 36 25.15 -18.61 24.65
N ASP A 37 25.87 -19.35 25.48
CA ASP A 37 27.34 -19.32 25.47
C ASP A 37 27.95 -19.88 24.19
N GLU A 38 27.36 -20.93 23.66
CA GLU A 38 27.85 -21.53 22.43
C GLU A 38 27.77 -20.50 21.32
N HIS A 39 26.70 -19.71 21.27
CA HIS A 39 26.58 -18.67 20.27
C HIS A 39 27.68 -17.61 20.50
N PHE A 40 27.75 -17.07 21.72
CA PHE A 40 28.72 -16.02 22.03
C PHE A 40 30.17 -16.47 21.74
N SER A 41 30.54 -17.67 22.20
CA SER A 41 31.91 -18.13 22.00
C SER A 41 32.27 -18.31 20.52
N ARG A 42 31.32 -18.71 19.70
CA ARG A 42 31.58 -18.88 18.29
C ARG A 42 31.70 -17.51 17.62
N ALA A 43 30.82 -16.59 17.98
CA ALA A 43 30.85 -15.25 17.43
C ALA A 43 32.10 -14.47 17.77
N LEU A 44 32.63 -14.73 18.97
CA LEU A 44 33.81 -14.00 19.47
C LEU A 44 35.12 -14.73 19.33
N ARG A 45 35.13 -15.97 18.84
CA ARG A 45 36.38 -16.71 18.71
C ARG A 45 37.29 -15.99 17.69
N ASN A 46 38.49 -15.64 18.15
CA ASN A 46 39.50 -14.83 17.43
C ASN A 46 38.91 -13.78 16.44
N LEU A 47 38.00 -12.96 16.95
CA LEU A 47 37.40 -11.86 16.22
C LEU A 47 38.44 -10.74 16.00
N LYS A 48 38.29 -9.86 14.98
CA LYS A 48 39.23 -8.73 14.77
C LYS A 48 38.60 -7.37 15.05
N PRO B 14 -25.05 26.20 -18.97
CA PRO B 14 -24.65 25.30 -17.83
C PRO B 14 -24.91 25.92 -16.45
N LYS B 15 -25.48 25.14 -15.53
CA LYS B 15 -25.54 25.50 -14.12
C LYS B 15 -24.13 25.49 -13.53
N THR B 16 -23.89 26.37 -12.56
CA THR B 16 -22.60 26.60 -11.96
C THR B 16 -22.77 26.58 -10.46
N GLU B 17 -21.87 25.88 -9.76
CA GLU B 17 -21.96 25.80 -8.31
C GLU B 17 -20.59 25.60 -7.66
N TRP B 18 -20.27 26.48 -6.71
CA TRP B 18 -19.00 26.41 -5.98
C TRP B 18 -19.07 25.39 -4.87
N ASN B 19 -18.05 24.54 -4.83
CA ASN B 19 -17.93 23.56 -3.79
C ASN B 19 -16.48 23.17 -3.45
N ALA B 20 -16.07 23.45 -2.21
CA ALA B 20 -14.82 22.90 -1.64
C ALA B 20 -13.61 23.22 -2.53
N GLY B 21 -13.50 24.49 -2.86
CA GLY B 21 -12.39 24.90 -3.71
C GLY B 21 -12.48 24.63 -5.20
N SER B 22 -13.60 24.12 -5.69
CA SER B 22 -13.76 24.00 -7.12
C SER B 22 -15.10 24.51 -7.61
N VAL B 23 -15.15 24.72 -8.92
CA VAL B 23 -16.33 25.07 -9.64
C VAL B 23 -16.84 23.81 -10.33
N ILE B 24 -18.11 23.49 -10.12
CA ILE B 24 -18.78 22.40 -10.81
C ILE B 24 -19.81 22.95 -11.82
N PHE B 25 -19.64 22.57 -13.08
CA PHE B 25 -20.60 22.91 -14.13
C PHE B 25 -21.52 21.71 -14.39
N THR B 26 -22.82 21.90 -14.27
CA THR B 26 -23.78 20.89 -14.61
C THR B 26 -24.45 21.23 -15.95
N TYR B 27 -24.48 20.24 -16.85
CA TYR B 27 -24.95 20.38 -18.22
C TYR B 27 -26.34 19.80 -18.50
N PHE B 28 -27.11 19.48 -17.49
CA PHE B 28 -28.46 18.93 -17.64
C PHE B 28 -29.45 19.55 -16.66
N GLU B 29 -30.72 19.58 -17.03
CA GLU B 29 -31.67 20.29 -16.21
C GLU B 29 -32.43 19.66 -15.08
N GLY B 30 -32.43 18.34 -14.93
CA GLY B 30 -33.20 17.78 -13.85
C GLY B 30 -32.48 17.37 -12.59
N ASP B 31 -32.98 16.29 -12.01
CA ASP B 31 -32.46 15.68 -10.82
C ASP B 31 -31.20 14.96 -11.15
N ILE B 32 -30.32 14.77 -10.18
CA ILE B 32 -29.12 14.04 -10.46
C ILE B 32 -29.50 12.59 -10.51
N ASN B 33 -30.37 12.20 -9.59
CA ASN B 33 -30.83 10.83 -9.51
C ASN B 33 -31.47 10.38 -10.83
N SER B 34 -32.34 11.22 -11.37
CA SER B 34 -33.01 10.93 -12.63
C SER B 34 -32.01 10.86 -13.78
N MET B 35 -31.07 11.79 -13.79
CA MET B 35 -30.05 11.85 -14.83
C MET B 35 -29.25 10.55 -14.89
N VAL B 36 -28.87 10.05 -13.73
CA VAL B 36 -28.10 8.81 -13.64
C VAL B 36 -28.94 7.61 -14.06
N ASP B 37 -30.23 7.64 -13.70
CA ASP B 37 -31.14 6.57 -14.04
C ASP B 37 -31.32 6.44 -15.56
N GLU B 38 -31.29 7.58 -16.24
CA GLU B 38 -31.44 7.61 -17.68
C GLU B 38 -30.29 6.89 -18.31
N HIS B 39 -29.07 7.05 -17.76
CA HIS B 39 -27.91 6.37 -18.31
C HIS B 39 -28.08 4.85 -18.12
N PHE B 40 -28.35 4.44 -16.88
CA PHE B 40 -28.44 3.01 -16.56
C PHE B 40 -29.52 2.32 -17.42
N SER B 41 -30.71 2.92 -17.47
CA SER B 41 -31.82 2.36 -18.26
C SER B 41 -31.48 2.13 -19.73
N ARG B 42 -30.76 3.09 -20.29
CA ARG B 42 -30.44 3.01 -21.69
C ARG B 42 -29.36 1.97 -21.92
N ALA B 43 -28.36 1.93 -21.04
CA ALA B 43 -27.27 0.97 -21.14
C ALA B 43 -27.74 -0.47 -20.99
N LEU B 44 -28.76 -0.69 -20.15
CA LEU B 44 -29.25 -2.04 -19.86
C LEU B 44 -30.52 -2.44 -20.61
N ARG B 45 -31.09 -1.54 -21.42
CA ARG B 45 -32.30 -1.89 -22.20
C ARG B 45 -31.93 -3.01 -23.18
N ASN B 46 -32.72 -4.07 -23.09
CA ASN B 46 -32.53 -5.33 -23.81
C ASN B 46 -31.08 -5.74 -24.10
N LEU B 47 -30.28 -5.76 -23.05
CA LEU B 47 -28.88 -6.20 -23.08
C LEU B 47 -28.81 -7.71 -23.25
N LYS B 48 -27.69 -8.27 -23.70
CA LYS B 48 -27.55 -9.75 -23.80
C LYS B 48 -26.32 -10.42 -23.13
N ARG B 49 -26.51 -11.73 -22.87
CA ARG B 49 -25.60 -12.66 -22.17
C ARG B 49 -24.12 -12.29 -22.22
N ASN C 5 11.20 14.43 -24.56
CA ASN C 5 10.18 13.78 -25.36
C ASN C 5 10.25 12.27 -25.23
N TRP C 6 11.34 11.78 -24.63
CA TRP C 6 11.53 10.35 -24.44
C TRP C 6 10.86 9.86 -23.17
N ILE C 7 10.40 10.80 -22.35
CA ILE C 7 9.73 10.46 -21.10
C ILE C 7 8.22 10.41 -21.31
N SER C 8 7.82 11.08 -22.35
CA SER C 8 6.47 11.13 -22.70
C SER C 8 6.10 9.96 -23.52
N MET C 9 6.98 9.02 -23.71
CA MET C 9 6.65 7.84 -24.41
C MET C 9 6.64 6.68 -23.52
N ARG C 10 6.84 6.90 -22.25
CA ARG C 10 6.89 5.90 -21.29
C ARG C 10 5.96 6.15 -20.16
N SER C 11 5.50 7.38 -20.04
CA SER C 11 4.62 7.72 -18.94
C SER C 11 3.74 8.92 -19.25
N ILE C 12 2.65 8.99 -18.52
CA ILE C 12 1.69 10.07 -18.66
C ILE C 12 2.40 11.40 -18.38
N ALA C 13 2.84 12.04 -19.45
CA ALA C 13 3.55 13.31 -19.35
C ALA C 13 3.68 13.96 -20.68
N SER C 14 3.70 15.28 -20.65
CA SER C 14 3.96 16.05 -21.84
C SER C 14 5.37 16.60 -21.63
N SER C 15 5.72 17.61 -22.39
CA SER C 15 6.99 18.26 -22.17
C SER C 15 7.04 19.11 -20.92
N LYS C 16 5.87 19.44 -20.35
CA LYS C 16 5.77 20.42 -19.27
C LYS C 16 5.07 19.98 -17.98
N LEU C 17 4.47 18.79 -17.98
CA LEU C 17 3.82 18.26 -16.78
C LEU C 17 3.82 16.75 -16.82
N TRP C 18 4.11 16.15 -15.67
CA TRP C 18 4.20 14.70 -15.52
C TRP C 18 3.33 14.33 -14.31
N MET C 19 2.50 13.30 -14.41
CA MET C 19 1.63 12.88 -13.33
C MET C 19 2.40 11.97 -12.37
N LEU C 20 2.42 12.37 -11.11
CA LEU C 20 3.00 11.57 -10.05
C LEU C 20 1.99 10.54 -9.53
N GLU C 21 0.80 11.01 -9.19
CA GLU C 21 -0.22 10.18 -8.52
C GLU C 21 -1.60 10.59 -9.01
N PHE C 22 -2.51 9.62 -9.05
CA PHE C 22 -3.94 9.86 -9.19
C PHE C 22 -4.65 8.74 -8.40
N SER C 23 -5.58 9.10 -7.52
CA SER C 23 -6.42 8.13 -6.81
C SER C 23 -7.80 8.69 -6.61
N ALA C 24 -8.83 7.87 -6.78
CA ALA C 24 -10.18 8.22 -6.35
C ALA C 24 -10.53 7.22 -5.27
N PHE C 25 -11.21 7.69 -4.25
CA PHE C 25 -11.40 6.91 -3.06
C PHE C 25 -12.64 7.26 -2.27
N LEU C 26 -12.89 6.42 -1.27
CA LEU C 26 -13.97 6.57 -0.33
C LEU C 26 -13.38 6.27 1.02
N GLU C 27 -13.70 7.06 2.04
CA GLU C 27 -13.27 6.79 3.43
C GLU C 27 -14.38 7.08 4.47
N ARG C 28 -14.30 6.59 5.70
CA ARG C 28 -15.31 6.95 6.70
C ARG C 28 -15.20 8.38 7.26
N GLN C 29 -14.05 8.72 7.86
CA GLN C 29 -13.82 10.02 8.54
C GLN C 29 -12.35 10.55 8.38
N ASP C 33 -8.31 2.87 10.95
CA ASP C 33 -8.62 3.63 9.75
C ASP C 33 -7.93 3.06 8.52
N THR C 34 -7.19 1.98 8.72
CA THR C 34 -6.45 1.31 7.60
C THR C 34 -7.37 0.67 6.56
N TYR C 35 -8.24 -0.24 7.00
CA TYR C 35 -9.18 -0.83 6.05
C TYR C 35 -10.50 -0.01 5.94
N ASN C 36 -10.47 1.25 6.37
CA ASN C 36 -11.59 2.20 6.31
C ASN C 36 -11.41 3.25 5.19
N LYS C 37 -10.34 3.10 4.43
CA LYS C 37 -10.01 3.88 3.22
C LYS C 37 -10.04 2.88 2.06
N HIS C 38 -10.53 3.26 0.89
CA HIS C 38 -10.73 2.34 -0.24
C HIS C 38 -10.54 3.08 -1.56
N LEU C 39 -9.67 2.53 -2.41
CA LEU C 39 -9.34 3.09 -3.71
C LEU C 39 -10.17 2.46 -4.79
N PHE C 40 -10.96 3.27 -5.48
CA PHE C 40 -11.70 2.79 -6.64
C PHE C 40 -10.77 2.55 -7.81
N VAL C 41 -9.95 3.55 -8.12
CA VAL C 41 -8.94 3.47 -9.19
C VAL C 41 -7.73 4.21 -8.69
N HIS C 42 -6.56 3.86 -9.21
CA HIS C 42 -5.36 4.53 -8.82
C HIS C 42 -4.23 4.28 -9.79
N ILE C 43 -3.41 5.31 -9.98
CA ILE C 43 -2.18 5.26 -10.75
C ILE C 43 -1.06 5.89 -9.93
N SER C 44 0.13 5.36 -10.07
CA SER C 44 1.30 5.91 -9.43
C SER C 44 2.49 5.76 -10.38
N GLN C 45 3.10 6.86 -10.82
CA GLN C 45 4.27 6.77 -11.72
C GLN C 45 5.56 6.95 -10.92
N SER C 46 6.55 6.14 -11.27
CA SER C 46 7.85 6.23 -10.66
C SER C 46 8.79 6.98 -11.61
N SER C 47 9.99 7.24 -11.12
CA SER C 47 11.01 7.97 -11.89
C SER C 47 11.18 7.30 -13.23
N PRO C 48 11.03 8.08 -14.32
CA PRO C 48 11.15 7.50 -15.65
C PRO C 48 12.60 7.08 -15.97
N SER C 49 12.75 5.86 -16.44
CA SER C 49 14.05 5.26 -16.78
C SER C 49 14.01 5.07 -18.29
N TYR C 50 15.16 5.14 -18.95
CA TYR C 50 15.22 4.76 -20.34
C TYR C 50 14.73 3.32 -20.56
N SER C 51 15.01 2.43 -19.61
CA SER C 51 14.69 1.01 -19.76
C SER C 51 13.20 0.67 -19.57
N ASP C 52 12.40 1.61 -19.09
CA ASP C 52 10.93 1.41 -19.02
C ASP C 52 10.37 1.19 -20.43
N PRO C 53 9.39 0.28 -20.62
CA PRO C 53 8.80 0.06 -21.98
C PRO C 53 8.09 1.27 -22.59
N TYR C 54 8.13 1.39 -23.93
CA TYR C 54 7.38 2.45 -24.66
C TYR C 54 5.90 2.13 -24.35
N LEU C 55 5.04 3.10 -24.08
CA LEU C 55 3.63 2.79 -23.90
C LEU C 55 3.08 2.35 -25.23
N GLU C 56 2.06 1.50 -25.22
CA GLU C 56 1.35 1.20 -26.45
C GLU C 56 0.57 2.45 -26.87
N THR C 57 0.24 2.45 -28.14
CA THR C 57 -0.35 3.55 -28.86
C THR C 57 -1.78 3.20 -29.26
N VAL C 58 -2.71 4.14 -29.14
CA VAL C 58 -4.07 3.99 -29.66
C VAL C 58 -4.38 5.13 -30.64
N ASP C 59 -4.95 4.81 -31.80
CA ASP C 59 -5.35 5.85 -32.72
C ASP C 59 -6.55 6.57 -32.12
N ILE C 60 -6.43 7.88 -32.04
CA ILE C 60 -7.42 8.67 -31.31
C ILE C 60 -8.81 8.60 -31.98
N ARG C 61 -8.85 8.52 -33.33
CA ARG C 61 -10.12 8.39 -34.07
C ARG C 61 -11.02 7.23 -33.58
N GLN C 62 -10.41 6.14 -33.12
CA GLN C 62 -11.12 5.06 -32.42
C GLN C 62 -11.95 5.50 -31.20
N ILE C 63 -11.71 6.70 -30.64
CA ILE C 63 -12.32 7.08 -29.35
C ILE C 63 -13.24 8.28 -29.40
N TYR C 64 -13.31 9.00 -30.52
CA TYR C 64 -14.08 10.29 -30.59
C TYR C 64 -15.56 10.22 -30.23
N ASP C 65 -16.23 9.13 -30.60
CA ASP C 65 -17.65 8.97 -30.29
C ASP C 65 -17.99 8.75 -28.80
N LYS C 66 -16.98 8.52 -27.95
CA LYS C 66 -17.16 8.43 -26.49
C LYS C 66 -16.91 9.72 -25.71
N PHE C 67 -16.57 10.81 -26.41
CA PHE C 67 -16.28 12.12 -25.77
C PHE C 67 -16.97 13.21 -26.56
N PRO C 68 -17.09 14.42 -25.98
CA PRO C 68 -17.87 15.44 -26.73
C PRO C 68 -17.18 15.86 -28.02
N GLU C 69 -17.98 16.24 -28.97
CA GLU C 69 -17.44 16.52 -30.24
C GLU C 69 -17.63 17.92 -30.70
N LYS C 70 -17.15 18.18 -31.92
CA LYS C 70 -17.27 19.51 -32.50
C LYS C 70 -16.21 20.45 -31.94
N LYS C 71 -16.54 21.74 -31.87
CA LYS C 71 -15.62 22.74 -31.35
C LYS C 71 -15.11 22.36 -29.96
N GLY C 72 -16.02 22.28 -29.01
CA GLY C 72 -15.67 21.94 -27.64
C GLY C 72 -15.44 20.45 -27.47
N GLY C 73 -14.74 19.85 -28.42
CA GLY C 73 -14.46 18.47 -28.38
C GLY C 73 -13.06 18.01 -28.31
N LEU C 74 -13.02 16.77 -28.04
CA LEU C 74 -11.73 16.09 -27.94
C LEU C 74 -10.90 16.26 -29.22
N LYS C 75 -11.54 16.07 -30.38
CA LYS C 75 -10.86 16.18 -31.67
C LYS C 75 -10.22 17.55 -31.82
N GLU C 76 -10.97 18.59 -31.53
CA GLU C 76 -10.48 19.94 -31.63
C GLU C 76 -9.29 20.20 -30.71
N LEU C 77 -9.44 19.80 -29.45
CA LEU C 77 -8.34 19.83 -28.45
C LEU C 77 -7.05 19.20 -28.95
N PHE C 78 -7.17 17.99 -29.51
CA PHE C 78 -6.02 17.25 -30.02
C PHE C 78 -5.36 17.97 -31.17
N GLU C 79 -6.16 18.48 -32.11
CA GLU C 79 -5.57 19.19 -33.25
C GLU C 79 -4.85 20.47 -32.81
N ARG C 80 -5.23 21.06 -31.68
CA ARG C 80 -4.63 22.29 -31.18
C ARG C 80 -3.43 22.08 -30.23
N GLY C 81 -3.66 21.74 -28.94
CA GLY C 81 -2.60 21.53 -27.91
C GLY C 81 -1.64 20.50 -28.49
N PRO C 82 -0.40 20.43 -27.96
CA PRO C 82 0.61 19.54 -28.54
C PRO C 82 0.24 18.06 -28.43
N SER C 83 0.60 17.27 -29.43
CA SER C 83 0.13 15.89 -29.48
C SER C 83 0.75 14.96 -28.43
N ASN C 84 1.91 15.33 -27.87
CA ASN C 84 2.53 14.52 -26.81
C ASN C 84 1.84 14.65 -25.44
N ALA C 85 0.87 15.57 -25.35
CA ALA C 85 0.06 15.74 -24.15
C ALA C 85 -1.05 14.72 -23.97
N PHE C 86 -1.34 13.89 -24.99
CA PHE C 86 -2.61 13.11 -24.99
C PHE C 86 -2.48 11.63 -24.68
N PHE C 87 -3.24 11.19 -23.68
CA PHE C 87 -3.19 9.79 -23.19
C PHE C 87 -4.56 9.20 -22.97
N LEU C 88 -4.63 7.87 -23.06
CA LEU C 88 -5.83 7.11 -22.71
C LEU C 88 -5.48 6.15 -21.56
N VAL C 89 -6.27 6.22 -20.49
CA VAL C 89 -6.15 5.25 -19.40
C VAL C 89 -7.40 4.37 -19.30
N LYS C 90 -7.20 3.07 -19.39
CA LYS C 90 -8.26 2.14 -19.09
C LYS C 90 -8.12 1.75 -17.62
N PHE C 91 -9.19 1.94 -16.88
CA PHE C 91 -9.24 1.49 -15.48
C PHE C 91 -10.13 0.27 -15.33
N TRP C 92 -9.69 -0.66 -14.50
CA TRP C 92 -10.53 -1.73 -13.95
C TRP C 92 -10.78 -1.33 -12.51
N ALA C 93 -11.99 -0.91 -12.20
CA ALA C 93 -12.31 -0.32 -10.91
C ALA C 93 -12.59 -1.39 -9.86
N ASP C 94 -12.25 -1.08 -8.63
CA ASP C 94 -12.53 -1.90 -7.52
C ASP C 94 -13.71 -1.29 -6.83
N LEU C 95 -14.88 -1.90 -7.05
CA LEU C 95 -16.16 -1.49 -6.50
C LEU C 95 -16.56 -2.37 -5.31
N ASN C 96 -15.67 -3.22 -4.84
CA ASN C 96 -16.02 -4.11 -3.73
C ASN C 96 -15.68 -3.45 -2.38
N THR C 97 -16.59 -2.67 -1.86
CA THR C 97 -16.45 -2.02 -0.58
C THR C 97 -17.83 -1.93 0.07
N ASN C 98 -17.93 -2.13 1.38
CA ASN C 98 -19.19 -1.85 2.11
C ASN C 98 -19.09 -0.61 2.98
N ILE C 99 -18.04 0.19 2.80
CA ILE C 99 -17.86 1.40 3.60
C ILE C 99 -18.95 2.42 3.30
N ASP C 100 -19.76 2.15 2.28
CA ASP C 100 -20.84 3.04 1.90
C ASP C 100 -22.13 2.64 2.60
N ASP C 101 -22.19 1.38 3.04
CA ASP C 101 -23.37 0.88 3.73
C ASP C 101 -23.25 0.93 5.25
N GLU C 102 -22.07 1.30 5.73
CA GLU C 102 -21.83 1.39 7.15
C GLU C 102 -21.64 2.88 7.39
N GLY C 103 -22.74 3.58 7.51
CA GLY C 103 -22.72 5.00 7.79
C GLY C 103 -22.06 5.94 6.83
N SER C 104 -21.84 7.15 7.33
CA SER C 104 -21.23 8.26 6.61
C SER C 104 -19.90 7.98 5.95
N ALA C 105 -19.59 8.79 4.94
CA ALA C 105 -18.40 8.55 4.17
C ALA C 105 -18.00 9.79 3.33
N PHE C 106 -16.71 10.01 3.09
CA PHE C 106 -16.21 11.04 2.17
C PHE C 106 -15.68 10.41 0.85
N TYR C 107 -16.14 10.93 -0.31
CA TYR C 107 -15.65 10.47 -1.61
C TYR C 107 -14.77 11.55 -2.17
N GLY C 108 -13.57 11.18 -2.59
CA GLY C 108 -12.64 12.17 -3.08
C GLY C 108 -11.76 11.66 -4.17
N VAL C 109 -11.02 12.58 -4.77
CA VAL C 109 -9.99 12.28 -5.74
C VAL C 109 -8.79 13.16 -5.45
N SER C 110 -7.60 12.57 -5.46
CA SER C 110 -6.34 13.25 -5.13
C SER C 110 -5.33 12.97 -6.22
N SER C 111 -4.56 13.96 -6.63
CA SER C 111 -3.60 13.79 -7.72
C SER C 111 -2.40 14.70 -7.49
N GLN C 112 -1.26 14.32 -8.05
CA GLN C 112 -0.06 15.15 -7.99
C GLN C 112 0.69 15.15 -9.33
N TYR C 113 1.23 16.32 -9.68
CA TYR C 113 1.95 16.55 -10.92
C TYR C 113 3.27 17.26 -10.61
N GLU C 114 4.30 17.00 -11.41
CA GLU C 114 5.56 17.74 -11.35
C GLU C 114 5.80 18.41 -12.69
N SER C 115 6.51 19.53 -12.64
CA SER C 115 6.92 20.29 -13.84
C SER C 115 8.27 20.99 -13.63
N PRO C 116 9.02 21.20 -14.72
CA PRO C 116 10.16 22.13 -14.59
C PRO C 116 9.76 23.62 -14.49
N GLU C 117 8.59 24.00 -15.04
CA GLU C 117 8.11 25.39 -14.99
C GLU C 117 7.25 25.69 -13.75
N ASN C 118 7.25 26.97 -13.34
CA ASN C 118 6.39 27.47 -12.28
C ASN C 118 5.20 28.14 -12.96
N MET C 119 4.03 27.54 -12.77
CA MET C 119 2.80 27.92 -13.44
C MET C 119 1.68 27.92 -12.43
N ILE C 120 0.54 28.42 -12.89
CA ILE C 120 -0.74 28.17 -12.29
C ILE C 120 -1.47 27.27 -13.26
N ILE C 121 -1.98 26.14 -12.77
CA ILE C 121 -2.65 25.16 -13.64
C ILE C 121 -4.10 25.01 -13.28
N THR C 122 -4.94 24.72 -14.26
CA THR C 122 -6.33 24.33 -13.97
C THR C 122 -6.47 22.90 -14.42
N CYS C 123 -7.29 22.14 -13.71
CA CYS C 123 -7.59 20.78 -14.08
C CYS C 123 -9.10 20.79 -14.31
N SER C 124 -9.51 20.33 -15.49
CA SER C 124 -10.92 20.11 -15.81
C SER C 124 -11.19 18.60 -15.89
N THR C 125 -12.17 18.07 -15.16
CA THR C 125 -12.52 16.65 -15.32
C THR C 125 -13.98 16.64 -15.71
N LYS C 126 -14.30 15.93 -16.77
CA LYS C 126 -15.62 16.01 -17.37
C LYS C 126 -16.21 14.61 -17.51
N VAL C 127 -17.39 14.42 -16.93
CA VAL C 127 -18.11 13.17 -17.03
C VAL C 127 -18.97 13.15 -18.31
N CYS C 128 -18.76 12.17 -19.17
CA CYS C 128 -19.53 11.98 -20.39
C CYS C 128 -20.33 10.68 -20.43
N SER C 129 -21.63 10.79 -20.75
CA SER C 129 -22.58 9.70 -20.93
C SER C 129 -22.95 9.62 -22.40
N PHE C 130 -22.62 8.50 -23.04
CA PHE C 130 -22.90 8.30 -24.49
C PHE C 130 -22.34 9.46 -25.33
N GLY C 131 -21.10 9.85 -25.01
CA GLY C 131 -20.44 10.99 -25.64
C GLY C 131 -20.88 12.40 -25.25
N LYS C 132 -22.05 12.56 -24.67
CA LYS C 132 -22.61 13.86 -24.30
C LYS C 132 -22.10 14.22 -22.86
N GLN C 133 -21.64 15.44 -22.67
CA GLN C 133 -21.04 15.85 -21.41
C GLN C 133 -22.16 16.11 -20.39
N VAL C 134 -21.89 15.74 -19.14
CA VAL C 134 -22.91 15.71 -18.10
C VAL C 134 -22.60 16.68 -16.98
N VAL C 135 -21.37 16.58 -16.46
CA VAL C 135 -20.88 17.41 -15.35
C VAL C 135 -19.39 17.59 -15.49
N GLU C 136 -18.92 18.74 -15.03
CA GLU C 136 -17.50 19.09 -15.12
C GLU C 136 -17.04 19.80 -13.85
N LYS C 137 -15.96 19.32 -13.24
CA LYS C 137 -15.33 19.99 -12.09
C LYS C 137 -14.09 20.66 -12.62
N VAL C 138 -13.90 21.92 -12.24
CA VAL C 138 -12.72 22.69 -12.63
C VAL C 138 -12.02 23.20 -11.38
N GLU C 139 -10.75 22.83 -11.19
CA GLU C 139 -9.96 23.32 -10.04
C GLU C 139 -8.72 24.00 -10.53
N THR C 140 -8.11 24.82 -9.69
CA THR C 140 -6.83 25.42 -10.02
C THR C 140 -5.85 25.23 -8.86
N GLU C 141 -4.57 25.05 -9.19
CA GLU C 141 -3.54 24.80 -8.19
C GLU C 141 -2.26 25.59 -8.52
N TYR C 142 -1.61 26.14 -7.50
CA TYR C 142 -0.34 26.83 -7.64
C TYR C 142 0.80 25.88 -7.34
N ALA C 143 2.01 26.28 -7.65
CA ALA C 143 3.20 25.45 -7.55
C ALA C 143 3.90 25.61 -6.21
N ARG C 144 4.56 24.54 -5.79
CA ARG C 144 5.43 24.50 -4.64
C ARG C 144 6.75 23.93 -5.11
N TYR C 145 7.85 24.66 -4.88
CA TYR C 145 9.16 24.21 -5.35
C TYR C 145 9.77 23.16 -4.40
N GLU C 146 10.40 22.12 -4.96
CA GLU C 146 10.89 20.94 -4.20
C GLU C 146 11.90 20.16 -5.05
N ASN C 147 12.98 19.68 -4.41
CA ASN C 147 14.19 19.26 -5.14
C ASN C 147 14.40 20.36 -6.14
N GLY C 148 14.54 20.06 -7.42
CA GLY C 148 14.62 21.11 -8.42
C GLY C 148 13.50 21.10 -9.42
N HIS C 149 12.28 20.83 -8.96
CA HIS C 149 11.09 20.91 -9.82
C HIS C 149 9.99 21.59 -9.05
N TYR C 150 8.91 21.88 -9.76
CA TYR C 150 7.71 22.43 -9.17
C TYR C 150 6.67 21.33 -9.02
N LEU C 151 6.07 21.25 -7.83
CA LEU C 151 5.07 20.25 -7.53
C LEU C 151 3.68 20.84 -7.37
N TYR C 152 2.71 20.19 -7.99
CA TYR C 152 1.30 20.60 -7.97
C TYR C 152 0.47 19.53 -7.30
N ARG C 153 -0.25 19.89 -6.26
CA ARG C 153 -0.87 18.90 -5.40
C ARG C 153 -2.33 19.24 -5.25
N ILE C 154 -3.21 18.46 -5.86
CA ILE C 154 -4.67 18.64 -5.78
C ILE C 154 -5.18 17.54 -4.85
N HIS C 155 -5.36 17.88 -3.60
CA HIS C 155 -5.55 16.89 -2.55
C HIS C 155 -7.02 16.85 -2.11
N ARG C 156 -7.61 15.67 -2.05
CA ARG C 156 -8.94 15.47 -1.50
C ARG C 156 -10.00 16.35 -2.12
N SER C 157 -10.07 16.39 -3.42
CA SER C 157 -11.11 17.17 -4.09
C SER C 157 -12.39 16.33 -4.07
N PRO C 158 -13.54 16.81 -3.56
CA PRO C 158 -14.69 15.88 -3.43
C PRO C 158 -15.28 15.47 -4.79
N LEU C 159 -15.91 14.31 -4.82
CA LEU C 159 -16.51 13.82 -6.04
C LEU C 159 -17.85 14.51 -6.29
N CYS C 160 -18.12 14.90 -7.54
CA CYS C 160 -19.48 15.28 -8.02
C CYS C 160 -20.54 14.31 -7.37
N GLU C 161 -21.64 14.83 -6.86
CA GLU C 161 -22.78 13.98 -6.50
C GLU C 161 -23.29 13.08 -7.66
N TYR C 162 -23.20 13.54 -8.91
CA TYR C 162 -23.48 12.65 -10.03
C TYR C 162 -22.69 11.33 -9.88
N MET C 163 -21.39 11.40 -9.62
CA MET C 163 -20.55 10.22 -9.53
C MET C 163 -20.84 9.33 -8.28
N ILE C 164 -21.19 9.96 -7.16
CA ILE C 164 -21.54 9.20 -5.98
C ILE C 164 -22.77 8.38 -6.24
N ASN C 165 -23.76 9.00 -6.88
CA ASN C 165 -25.00 8.35 -7.27
C ASN C 165 -24.70 7.23 -8.28
N PHE C 166 -23.86 7.53 -9.25
CA PHE C 166 -23.51 6.56 -10.26
C PHE C 166 -22.80 5.35 -9.64
N ILE C 167 -21.84 5.60 -8.76
CA ILE C 167 -21.11 4.51 -8.09
C ILE C 167 -22.03 3.67 -7.21
N HIS C 168 -22.96 4.30 -6.50
CA HIS C 168 -23.91 3.53 -5.68
C HIS C 168 -24.69 2.52 -6.54
N LYS C 169 -25.22 3.00 -7.65
CA LYS C 169 -26.02 2.18 -8.55
C LYS C 169 -25.17 1.19 -9.32
N LEU C 170 -23.99 1.59 -9.75
CA LEU C 170 -23.08 0.70 -10.46
C LEU C 170 -22.77 -0.54 -9.61
N LYS C 171 -22.39 -0.31 -8.37
CA LYS C 171 -22.06 -1.41 -7.50
C LYS C 171 -23.26 -2.29 -7.08
N HIS C 172 -24.49 -1.79 -7.23
CA HIS C 172 -25.68 -2.61 -6.92
C HIS C 172 -26.21 -3.42 -8.11
N LEU C 173 -25.38 -3.70 -9.09
CA LEU C 173 -25.78 -4.54 -10.19
C LEU C 173 -25.41 -5.99 -9.89
N PRO C 174 -26.17 -6.95 -10.42
CA PRO C 174 -25.99 -8.35 -10.01
C PRO C 174 -24.91 -9.11 -10.70
N GLU C 175 -24.41 -8.63 -11.84
CA GLU C 175 -23.29 -9.29 -12.49
C GLU C 175 -22.33 -8.25 -13.01
N LYS C 176 -21.06 -8.58 -12.97
CA LYS C 176 -20.02 -7.73 -13.51
C LYS C 176 -20.12 -7.45 -15.03
N TYR C 177 -20.68 -8.35 -15.83
CA TYR C 177 -20.93 -8.00 -17.22
C TYR C 177 -21.92 -6.83 -17.35
N MET C 178 -22.88 -6.72 -16.44
CA MET C 178 -23.84 -5.60 -16.49
C MET C 178 -23.17 -4.29 -16.14
N MET C 179 -22.29 -4.34 -15.15
CA MET C 179 -21.46 -3.18 -14.77
C MET C 179 -20.69 -2.68 -15.98
N ASN C 180 -20.09 -3.60 -16.70
CA ASN C 180 -19.33 -3.28 -17.91
C ASN C 180 -20.21 -2.72 -19.05
N SER C 181 -21.44 -3.19 -19.19
CA SER C 181 -22.35 -2.57 -20.17
C SER C 181 -22.69 -1.13 -19.78
N VAL C 182 -22.90 -0.90 -18.50
CA VAL C 182 -23.12 0.45 -18.00
C VAL C 182 -21.87 1.32 -18.22
N LEU C 183 -20.70 0.74 -18.02
CA LEU C 183 -19.48 1.49 -18.18
C LEU C 183 -19.04 1.72 -19.62
N GLU C 184 -19.51 0.91 -20.59
CA GLU C 184 -19.03 1.01 -22.00
C GLU C 184 -19.23 2.44 -22.59
N ASN C 185 -20.28 3.14 -22.21
CA ASN C 185 -20.51 4.49 -22.69
C ASN C 185 -20.41 5.50 -21.55
N PHE C 186 -19.47 5.27 -20.65
CA PHE C 186 -19.22 6.18 -19.56
C PHE C 186 -17.75 6.49 -19.61
N THR C 187 -17.43 7.77 -19.72
CA THR C 187 -16.04 8.19 -19.85
C THR C 187 -15.81 9.47 -19.08
N ILE C 188 -14.55 9.67 -18.69
CA ILE C 188 -14.13 10.93 -18.09
C ILE C 188 -13.01 11.49 -18.92
N LEU C 189 -13.05 12.79 -19.17
CA LEU C 189 -11.97 13.52 -19.88
C LEU C 189 -11.33 14.54 -18.92
N GLN C 190 -10.05 14.34 -18.60
CA GLN C 190 -9.27 15.26 -17.80
C GLN C 190 -8.44 16.10 -18.74
N VAL C 191 -8.55 17.43 -18.64
CA VAL C 191 -7.69 18.36 -19.36
C VAL C 191 -7.04 19.31 -18.37
N VAL C 192 -5.71 19.26 -18.27
CA VAL C 192 -4.97 20.16 -17.41
C VAL C 192 -4.36 21.26 -18.27
N THR C 193 -4.67 22.54 -17.97
CA THR C 193 -4.06 23.59 -18.77
C THR C 193 -3.33 24.59 -17.91
N ASN C 194 -2.41 25.31 -18.56
CA ASN C 194 -1.74 26.45 -17.94
C ASN C 194 -2.77 27.58 -17.96
N ARG C 195 -3.20 28.03 -16.77
CA ARG C 195 -4.23 29.05 -16.64
C ARG C 195 -4.04 30.38 -17.37
N ASP C 196 -2.79 30.81 -17.50
CA ASP C 196 -2.50 32.10 -18.15
C ASP C 196 -2.48 31.95 -19.68
N THR C 197 -1.59 31.10 -20.16
CA THR C 197 -1.33 30.85 -21.58
C THR C 197 -2.18 29.65 -21.76
N GLN C 198 -3.32 29.70 -22.41
CA GLN C 198 -4.29 28.53 -22.25
C GLN C 198 -3.81 27.16 -22.87
N GLU C 199 -2.58 26.78 -22.59
CA GLU C 199 -1.92 25.69 -23.28
C GLU C 199 -2.31 24.40 -22.60
N THR C 200 -2.68 23.41 -23.40
CA THR C 200 -3.01 22.13 -22.83
C THR C 200 -1.66 21.43 -22.46
N LEU C 201 -1.50 21.18 -21.15
CA LEU C 201 -0.32 20.54 -20.57
C LEU C 201 -0.48 19.05 -20.45
N LEU C 202 -1.69 18.56 -20.23
CA LEU C 202 -1.96 17.14 -20.23
C LEU C 202 -3.43 16.91 -20.51
N CYS C 203 -3.74 15.90 -21.33
CA CYS C 203 -5.13 15.54 -21.58
C CYS C 203 -5.23 14.04 -21.49
N ILE C 204 -6.07 13.57 -20.56
CA ILE C 204 -6.19 12.15 -20.32
C ILE C 204 -7.64 11.75 -20.46
N ALA C 205 -7.84 10.79 -21.34
CA ALA C 205 -9.14 10.19 -21.60
C ALA C 205 -9.27 8.90 -20.80
N TYR C 206 -10.27 8.82 -19.93
CA TYR C 206 -10.46 7.64 -19.12
C TYR C 206 -11.61 6.75 -19.59
N VAL C 207 -11.33 5.47 -19.64
CA VAL C 207 -12.30 4.48 -20.07
C VAL C 207 -12.34 3.40 -18.97
N PHE C 208 -13.51 2.78 -18.74
CA PHE C 208 -13.71 1.94 -17.53
C PHE C 208 -14.31 0.58 -17.76
N GLU C 209 -13.77 -0.42 -17.07
CA GLU C 209 -14.48 -1.64 -16.78
C GLU C 209 -14.42 -1.83 -15.28
N VAL C 210 -15.06 -2.88 -14.80
CA VAL C 210 -14.94 -3.29 -13.42
C VAL C 210 -13.91 -4.38 -13.37
N SER C 211 -13.15 -4.42 -12.30
CA SER C 211 -12.17 -5.46 -12.15
C SER C 211 -12.78 -6.83 -11.95
N ALA C 212 -12.21 -7.80 -12.64
CA ALA C 212 -12.53 -9.22 -12.37
C ALA C 212 -11.94 -9.78 -11.06
N SER C 213 -11.01 -9.10 -10.39
CA SER C 213 -10.54 -9.54 -9.06
C SER C 213 -11.62 -9.29 -8.02
N GLU C 214 -11.58 -10.05 -6.93
CA GLU C 214 -12.53 -9.85 -5.85
C GLU C 214 -12.22 -8.49 -5.17
N HIS C 215 -10.92 -8.23 -4.99
CA HIS C 215 -10.39 -6.98 -4.45
C HIS C 215 -9.26 -6.49 -5.36
N GLY C 216 -9.05 -5.18 -5.39
CA GLY C 216 -7.98 -4.58 -6.20
C GLY C 216 -8.38 -3.92 -7.49
N ALA C 217 -7.80 -2.75 -7.73
CA ALA C 217 -8.02 -2.00 -8.94
C ALA C 217 -6.78 -2.12 -9.85
N GLN C 218 -7.00 -2.07 -11.18
CA GLN C 218 -5.92 -2.19 -12.17
C GLN C 218 -6.04 -1.10 -13.25
N HIS C 219 -4.95 -0.90 -14.00
CA HIS C 219 -4.92 0.11 -15.07
C HIS C 219 -4.03 -0.26 -16.24
N HIS C 220 -4.32 0.28 -17.41
CA HIS C 220 -3.43 0.19 -18.56
C HIS C 220 -3.33 1.60 -19.16
N ILE C 221 -2.12 2.04 -19.49
CA ILE C 221 -1.92 3.38 -20.01
C ILE C 221 -1.52 3.29 -21.48
N TYR C 222 -2.26 3.99 -22.34
CA TYR C 222 -1.93 4.11 -23.75
C TYR C 222 -1.62 5.55 -24.08
N ARG C 223 -0.82 5.74 -25.12
CA ARG C 223 -0.51 7.05 -25.65
C ARG C 223 -1.39 7.27 -26.88
N LEU C 224 -2.18 8.34 -26.93
CA LEU C 224 -3.04 8.61 -28.08
C LEU C 224 -2.26 9.19 -29.29
N VAL C 225 -2.55 8.69 -30.51
CA VAL C 225 -1.87 9.16 -31.72
C VAL C 225 -2.81 9.45 -32.91
N LYS C 226 -2.29 10.29 -33.85
CA LYS C 226 -2.80 10.55 -35.22
C LYS C 226 -4.24 11.06 -35.31
N ASP D 5 -5.10 -9.82 -4.46
CA ASP D 5 -4.88 -8.56 -5.26
C ASP D 5 -5.16 -7.22 -4.51
N LEU D 6 -4.89 -7.12 -3.20
CA LEU D 6 -4.76 -5.80 -2.51
C LEU D 6 -3.30 -5.32 -2.20
N ASN D 7 -2.68 -4.88 -3.29
CA ASN D 7 -1.26 -4.65 -3.30
C ASN D 7 -0.84 -3.29 -2.82
N TRP D 8 -1.68 -2.26 -2.91
CA TRP D 8 -1.18 -0.90 -2.69
C TRP D 8 -0.69 -0.63 -1.31
N ILE D 9 -1.43 -1.15 -0.37
CA ILE D 9 -1.01 -1.18 1.00
C ILE D 9 0.29 -1.96 1.18
N SER D 10 0.41 -3.16 0.67
CA SER D 10 1.65 -3.90 0.89
C SER D 10 2.92 -3.39 0.21
N MET D 11 2.84 -2.52 -0.78
CA MET D 11 4.00 -1.95 -1.40
C MET D 11 4.54 -0.82 -0.53
N ARG D 12 3.69 -0.32 0.38
CA ARG D 12 3.97 0.86 1.18
C ARG D 12 4.12 0.56 2.67
N SER D 13 3.79 -0.64 3.12
CA SER D 13 3.94 -0.96 4.57
C SER D 13 4.05 -2.45 4.82
N ILE D 14 4.30 -2.81 6.07
CA ILE D 14 4.34 -4.22 6.49
C ILE D 14 2.90 -4.73 6.49
N ALA D 15 2.54 -5.38 5.39
CA ALA D 15 1.20 -5.92 5.21
C ALA D 15 1.11 -6.78 3.99
N SER D 16 0.24 -7.74 4.04
CA SER D 16 -0.06 -8.55 2.87
C SER D 16 -1.39 -8.05 2.35
N SER D 17 -2.05 -8.83 1.51
CA SER D 17 -3.40 -8.47 1.12
C SER D 17 -4.43 -8.60 2.24
N LYS D 18 -4.10 -9.34 3.30
CA LYS D 18 -5.08 -9.74 4.31
C LYS D 18 -4.75 -9.41 5.78
N LEU D 19 -3.56 -8.87 6.05
CA LEU D 19 -3.16 -8.51 7.39
C LEU D 19 -2.16 -7.37 7.33
N TRP D 20 -2.27 -6.43 8.25
CA TRP D 20 -1.42 -5.26 8.32
C TRP D 20 -0.96 -5.14 9.78
N MET D 21 0.34 -4.87 10.00
CA MET D 21 0.87 -4.77 11.36
C MET D 21 0.68 -3.36 11.86
N LEU D 22 0.01 -3.27 13.01
CA LEU D 22 -0.15 -2.02 13.70
C LEU D 22 1.06 -1.73 14.59
N GLU D 23 1.43 -2.71 15.43
CA GLU D 23 2.48 -2.55 16.43
C GLU D 23 3.28 -3.82 16.60
N PHE D 24 4.57 -3.64 16.90
CA PHE D 24 5.42 -4.71 17.41
C PHE D 24 6.41 -4.07 18.40
N SER D 25 6.51 -4.61 19.61
CA SER D 25 7.48 -4.09 20.60
C SER D 25 7.97 -5.22 21.46
N ALA D 26 9.28 -5.23 21.74
CA ALA D 26 9.82 -6.06 22.77
C ALA D 26 10.36 -5.10 23.82
N PHE D 27 10.14 -5.45 25.08
CA PHE D 27 10.36 -4.50 26.16
C PHE D 27 10.66 -5.17 27.47
N LEU D 28 11.03 -4.35 28.44
CA LEU D 28 11.29 -4.79 29.79
C LEU D 28 10.66 -3.76 30.67
N GLU D 29 9.92 -4.19 31.69
CA GLU D 29 9.39 -3.26 32.71
C GLU D 29 9.36 -3.85 34.12
N ARG D 30 9.47 -3.03 35.18
CA ARG D 30 9.34 -3.53 36.56
C ARG D 30 7.94 -3.15 37.05
N ASN D 38 8.69 3.09 34.56
CA ASN D 38 8.94 1.67 34.64
C ASN D 38 9.36 0.90 33.33
N LYS D 39 9.12 1.42 32.12
CA LYS D 39 9.22 0.63 30.88
C LYS D 39 10.38 1.03 29.95
N HIS D 40 10.87 0.10 29.14
CA HIS D 40 11.96 0.32 28.20
C HIS D 40 11.80 -0.58 26.98
N LEU D 41 11.88 0.02 25.78
CA LEU D 41 11.70 -0.68 24.52
C LEU D 41 13.03 -1.04 23.94
N PHE D 42 13.26 -2.34 23.72
CA PHE D 42 14.46 -2.77 23.03
C PHE D 42 14.34 -2.45 21.55
N VAL D 43 13.25 -2.90 20.97
CA VAL D 43 12.91 -2.64 19.56
C VAL D 43 11.45 -2.33 19.49
N HIS D 44 11.05 -1.58 18.48
CA HIS D 44 9.67 -1.14 18.35
C HIS D 44 9.40 -0.74 16.94
N ILE D 45 8.24 -1.16 16.45
CA ILE D 45 7.66 -0.71 15.19
C ILE D 45 6.23 -0.24 15.44
N SER D 46 5.88 0.85 14.78
CA SER D 46 4.55 1.36 14.85
C SER D 46 4.14 1.88 13.49
N GLN D 47 3.12 1.30 12.84
CA GLN D 47 2.63 1.83 11.56
C GLN D 47 1.40 2.66 11.70
N SER D 48 1.32 3.74 10.96
CA SER D 48 0.08 4.50 10.87
C SER D 48 -0.61 4.16 9.55
N SER D 49 -1.85 4.63 9.44
CA SER D 49 -2.70 4.35 8.31
C SER D 49 -1.99 4.65 7.02
N PRO D 50 -1.94 3.67 6.11
CA PRO D 50 -1.28 3.90 4.84
C PRO D 50 -2.03 4.91 3.96
N SER D 51 -1.29 5.86 3.41
CA SER D 51 -1.79 6.79 2.38
C SER D 51 -1.28 6.27 1.02
N TYR D 52 -2.04 6.50 -0.05
CA TYR D 52 -1.52 6.19 -1.38
C TYR D 52 -0.26 6.96 -1.65
N SER D 53 -0.14 8.17 -1.13
CA SER D 53 1.02 9.05 -1.39
C SER D 53 2.28 8.65 -0.62
N ASP D 54 2.18 7.74 0.34
CA ASP D 54 3.35 7.16 0.99
C ASP D 54 4.27 6.49 -0.04
N PRO D 55 5.61 6.60 0.14
CA PRO D 55 6.58 5.95 -0.78
C PRO D 55 6.51 4.40 -0.82
N TYR D 56 6.85 3.81 -1.96
CA TYR D 56 7.10 2.37 -2.08
C TYR D 56 8.22 2.04 -1.08
N LEU D 57 8.12 0.96 -0.31
CA LEU D 57 9.25 0.57 0.54
C LEU D 57 10.41 0.18 -0.33
N GLU D 58 11.64 0.32 0.16
CA GLU D 58 12.77 -0.30 -0.51
C GLU D 58 12.62 -1.82 -0.56
N THR D 59 13.17 -2.43 -1.59
CA THR D 59 13.10 -3.84 -1.82
C THR D 59 14.49 -4.49 -1.62
N VAL D 60 14.52 -5.68 -1.03
CA VAL D 60 15.74 -6.49 -0.91
C VAL D 60 15.50 -7.86 -1.56
N ASP D 61 16.47 -8.33 -2.33
CA ASP D 61 16.33 -9.65 -2.94
C ASP D 61 16.49 -10.67 -1.83
N ILE D 62 15.51 -11.56 -1.75
CA ILE D 62 15.45 -12.50 -0.65
C ILE D 62 16.66 -13.45 -0.60
N ARG D 63 17.13 -13.88 -1.77
CA ARG D 63 18.28 -14.78 -1.86
C ARG D 63 19.49 -14.21 -1.14
N GLN D 64 19.39 -12.97 -0.71
CA GLN D 64 20.48 -12.31 0.00
C GLN D 64 20.52 -12.61 1.49
N ILE D 65 19.42 -13.17 2.01
CA ILE D 65 19.33 -13.50 3.42
C ILE D 65 19.07 -14.96 3.81
N TYR D 66 18.90 -15.82 2.81
CA TYR D 66 18.65 -17.24 3.08
C TYR D 66 19.57 -17.95 4.03
N ASP D 67 20.88 -17.65 3.97
CA ASP D 67 21.84 -18.37 4.83
C ASP D 67 21.77 -17.96 6.32
N LYS D 68 21.00 -16.91 6.64
CA LYS D 68 20.79 -16.48 8.04
C LYS D 68 19.52 -17.04 8.71
N PHE D 69 18.76 -17.87 7.98
CA PHE D 69 17.55 -18.54 8.51
C PHE D 69 17.57 -20.00 8.13
N PRO D 70 16.71 -20.84 8.73
CA PRO D 70 16.81 -22.26 8.37
C PRO D 70 16.42 -22.48 6.89
N GLU D 71 17.04 -23.49 6.30
CA GLU D 71 16.87 -23.82 4.91
C GLU D 71 16.19 -25.18 4.81
N LYS D 72 16.16 -25.76 3.61
CA LYS D 72 15.51 -27.07 3.35
C LYS D 72 14.00 -27.09 3.80
N LYS D 73 13.56 -28.13 4.53
CA LYS D 73 12.11 -28.41 4.75
C LYS D 73 11.40 -27.23 5.44
N GLY D 74 11.73 -26.91 6.68
CA GLY D 74 10.92 -25.94 7.44
C GLY D 74 11.29 -24.50 7.15
N GLY D 75 11.91 -24.25 6.00
CA GLY D 75 12.80 -23.09 5.80
C GLY D 75 12.19 -21.87 5.11
N LEU D 76 12.94 -20.78 5.19
CA LEU D 76 12.49 -19.52 4.63
C LEU D 76 12.26 -19.61 3.11
N LYS D 77 13.20 -20.23 2.38
CA LYS D 77 13.06 -20.33 0.93
C LYS D 77 11.78 -21.04 0.54
N GLU D 78 11.54 -22.17 1.19
CA GLU D 78 10.34 -22.96 0.91
C GLU D 78 9.07 -22.16 1.19
N LEU D 79 9.01 -21.53 2.37
CA LEU D 79 7.92 -20.65 2.74
C LEU D 79 7.60 -19.55 1.71
N PHE D 80 8.65 -18.90 1.22
CA PHE D 80 8.50 -17.86 0.22
C PHE D 80 7.94 -18.40 -1.10
N GLU D 81 8.45 -19.55 -1.52
CA GLU D 81 7.93 -20.22 -2.72
C GLU D 81 6.45 -20.53 -2.62
N ARG D 82 5.94 -20.82 -1.42
CA ARG D 82 4.52 -21.17 -1.25
C ARG D 82 3.60 -19.99 -0.93
N GLY D 83 3.57 -19.50 0.31
CA GLY D 83 2.65 -18.38 0.77
C GLY D 83 2.86 -17.24 -0.22
N PRO D 84 1.92 -16.29 -0.32
CA PRO D 84 2.02 -15.27 -1.36
C PRO D 84 3.22 -14.33 -1.13
N SER D 85 3.80 -13.87 -2.21
CA SER D 85 5.06 -13.12 -2.12
C SER D 85 4.92 -11.74 -1.49
N ASN D 86 3.74 -11.13 -1.53
CA ASN D 86 3.55 -9.80 -0.92
C ASN D 86 3.43 -9.85 0.61
N ALA D 87 3.40 -11.07 1.16
CA ALA D 87 3.49 -11.28 2.63
C ALA D 87 4.87 -11.10 3.26
N PHE D 88 5.94 -10.97 2.46
CA PHE D 88 7.31 -11.11 3.00
C PHE D 88 8.09 -9.81 3.17
N PHE D 89 8.58 -9.57 4.37
CA PHE D 89 9.30 -8.35 4.73
C PHE D 89 10.58 -8.62 5.53
N LEU D 90 11.51 -7.68 5.45
CA LEU D 90 12.75 -7.72 6.22
C LEU D 90 12.82 -6.44 7.06
N VAL D 91 13.03 -6.61 8.37
CA VAL D 91 13.24 -5.49 9.25
C VAL D 91 14.65 -5.53 9.85
N LYS D 92 15.39 -4.47 9.69
CA LYS D 92 16.64 -4.30 10.40
C LYS D 92 16.33 -3.48 11.64
N PHE D 93 16.67 -4.02 12.80
CA PHE D 93 16.55 -3.27 14.05
C PHE D 93 17.93 -2.84 14.52
N TRP D 94 18.00 -1.63 15.06
CA TRP D 94 19.09 -1.17 15.90
C TRP D 94 18.49 -1.15 17.30
N ALA D 95 18.93 -2.09 18.13
CA ALA D 95 18.29 -2.31 19.43
C ALA D 95 18.86 -1.38 20.46
N ASP D 96 18.02 -0.98 21.41
CA ASP D 96 18.45 -0.12 22.49
C ASP D 96 18.57 -1.02 23.67
N LEU D 97 19.82 -1.33 24.02
CA LEU D 97 20.14 -2.19 25.18
C LEU D 97 20.52 -1.41 26.41
N ASN D 98 20.39 -0.09 26.37
CA ASN D 98 20.87 0.72 27.46
C ASN D 98 19.78 0.96 28.47
N THR D 99 19.67 0.04 29.43
CA THR D 99 18.71 0.12 30.50
C THR D 99 19.35 -0.52 31.73
N ASN D 100 19.04 -0.02 32.92
CA ASN D 100 19.48 -0.61 34.19
C ASN D 100 18.37 -1.39 34.90
N ILE D 101 17.21 -1.53 34.27
CA ILE D 101 16.10 -2.26 34.87
C ILE D 101 16.44 -3.73 35.06
N ASP D 102 17.41 -4.22 34.28
CA ASP D 102 17.83 -5.61 34.38
C ASP D 102 18.72 -5.88 35.59
N ASP D 103 19.35 -4.82 36.11
CA ASP D 103 20.13 -4.91 37.33
C ASP D 103 19.41 -4.32 38.53
N SER D 106 14.75 -7.58 39.35
CA SER D 106 13.84 -8.56 38.74
C SER D 106 12.51 -7.95 38.25
N ALA D 107 12.16 -8.31 37.01
CA ALA D 107 11.31 -7.52 36.13
C ALA D 107 10.70 -8.37 35.01
N PHE D 108 9.72 -7.83 34.29
CA PHE D 108 9.03 -8.56 33.22
C PHE D 108 9.53 -8.22 31.81
N TYR D 109 9.90 -9.24 31.05
CA TYR D 109 10.30 -9.10 29.64
C TYR D 109 9.17 -9.58 28.77
N GLY D 110 8.76 -8.73 27.83
CA GLY D 110 7.57 -9.01 27.07
C GLY D 110 7.75 -8.65 25.64
N VAL D 111 6.95 -9.31 24.81
CA VAL D 111 6.78 -8.86 23.44
C VAL D 111 5.26 -8.73 23.17
N SER D 112 4.87 -7.61 22.57
CA SER D 112 3.47 -7.31 22.25
C SER D 112 3.36 -6.99 20.77
N SER D 113 2.30 -7.46 20.12
CA SER D 113 2.07 -7.04 18.72
C SER D 113 0.60 -6.90 18.41
N GLN D 114 0.28 -6.09 17.41
CA GLN D 114 -1.10 -5.96 16.93
C GLN D 114 -1.19 -5.90 15.42
N TYR D 115 -2.23 -6.57 14.91
CA TYR D 115 -2.50 -6.68 13.49
C TYR D 115 -3.97 -6.32 13.25
N GLU D 116 -4.24 -5.72 12.08
CA GLU D 116 -5.61 -5.51 11.61
C GLU D 116 -5.81 -6.27 10.33
N SER D 117 -7.04 -6.70 10.09
CA SER D 117 -7.46 -7.35 8.83
C SER D 117 -8.90 -7.01 8.44
N PRO D 118 -9.23 -7.04 7.14
CA PRO D 118 -10.66 -7.03 6.79
C PRO D 118 -11.37 -8.38 7.08
N GLU D 119 -10.66 -9.49 7.10
CA GLU D 119 -11.25 -10.83 7.35
C GLU D 119 -11.25 -11.21 8.84
N ASN D 120 -12.22 -12.06 9.23
CA ASN D 120 -12.31 -12.62 10.58
C ASN D 120 -11.70 -14.02 10.48
N MET D 121 -10.58 -14.20 11.17
CA MET D 121 -9.75 -15.42 11.12
C MET D 121 -9.30 -15.79 12.48
N ILE D 122 -8.72 -16.97 12.60
CA ILE D 122 -7.89 -17.36 13.74
C ILE D 122 -6.46 -17.42 13.25
N ILE D 123 -5.56 -16.69 13.90
CA ILE D 123 -4.17 -16.59 13.45
C ILE D 123 -3.21 -17.20 14.45
N THR D 124 -2.10 -17.76 13.95
CA THR D 124 -1.00 -18.14 14.83
C THR D 124 0.15 -17.23 14.47
N CYS D 125 0.95 -16.86 15.45
CA CYS D 125 2.13 -16.03 15.26
C CYS D 125 3.24 -16.90 15.80
N SER D 126 4.22 -17.18 14.94
CA SER D 126 5.40 -17.99 15.30
C SER D 126 6.62 -17.07 15.30
N THR D 127 7.40 -17.02 16.37
CA THR D 127 8.64 -16.27 16.34
C THR D 127 9.75 -17.26 16.64
N LYS D 128 10.78 -17.28 15.81
CA LYS D 128 11.78 -18.32 15.84
C LYS D 128 13.16 -17.67 15.92
N VAL D 129 13.93 -18.07 16.95
CA VAL D 129 15.28 -17.58 17.12
C VAL D 129 16.25 -18.48 16.34
N CYS D 130 17.04 -17.86 15.44
CA CYS D 130 18.04 -18.58 14.67
C CYS D 130 19.47 -18.08 14.95
N SER D 131 20.36 -19.03 15.26
CA SER D 131 21.78 -18.80 15.56
C SER D 131 22.60 -19.44 14.45
N PHE D 132 23.34 -18.62 13.71
CA PHE D 132 24.15 -19.08 12.56
C PHE D 132 23.29 -19.90 11.56
N GLY D 133 22.08 -19.38 11.29
CA GLY D 133 21.12 -20.03 10.41
C GLY D 133 20.38 -21.27 10.99
N LYS D 134 20.86 -21.86 12.08
CA LYS D 134 20.22 -23.02 12.69
C LYS D 134 19.14 -22.54 13.69
N GLN D 135 17.96 -23.15 13.67
CA GLN D 135 16.88 -22.74 14.56
C GLN D 135 17.12 -23.24 15.99
N VAL D 136 16.77 -22.41 16.96
CA VAL D 136 17.13 -22.62 18.36
C VAL D 136 15.90 -22.80 19.24
N VAL D 137 14.97 -21.84 19.17
CA VAL D 137 13.74 -21.87 19.96
C VAL D 137 12.64 -21.17 19.16
N GLU D 138 11.41 -21.63 19.34
CA GLU D 138 10.26 -21.00 18.70
C GLU D 138 9.08 -20.90 19.65
N LYS D 139 8.49 -19.71 19.75
CA LYS D 139 7.27 -19.50 20.53
C LYS D 139 6.13 -19.35 19.55
N VAL D 140 5.03 -20.07 19.78
CA VAL D 140 3.84 -19.97 18.91
C VAL D 140 2.64 -19.53 19.74
N GLU D 141 2.02 -18.42 19.35
CA GLU D 141 0.86 -17.82 20.00
C GLU D 141 -0.30 -17.90 19.04
N THR D 142 -1.54 -18.02 19.54
CA THR D 142 -2.68 -18.01 18.63
C THR D 142 -3.73 -17.06 19.17
N GLU D 143 -4.37 -16.31 18.28
CA GLU D 143 -5.21 -15.19 18.65
C GLU D 143 -6.46 -15.14 17.75
N TYR D 144 -7.61 -14.90 18.36
CA TYR D 144 -8.89 -14.77 17.63
C TYR D 144 -9.15 -13.29 17.39
N ALA D 145 -10.11 -13.02 16.52
CA ALA D 145 -10.40 -11.67 16.08
C ALA D 145 -11.44 -10.98 16.93
N ARG D 146 -11.26 -9.66 17.02
CA ARG D 146 -12.18 -8.78 17.72
C ARG D 146 -12.52 -7.71 16.71
N TYR D 147 -13.79 -7.52 16.44
CA TYR D 147 -14.24 -6.47 15.53
C TYR D 147 -14.16 -5.07 16.16
N GLU D 148 -13.72 -4.09 15.37
CA GLU D 148 -13.49 -2.69 15.81
C GLU D 148 -13.44 -1.76 14.62
N ASN D 149 -14.01 -0.56 14.74
CA ASN D 149 -14.25 0.33 13.60
C ASN D 149 -14.86 -0.61 12.59
N GLY D 150 -14.38 -0.69 11.35
CA GLY D 150 -14.86 -1.72 10.43
C GLY D 150 -13.80 -2.70 9.99
N HIS D 151 -12.95 -3.13 10.92
CA HIS D 151 -11.95 -4.16 10.62
C HIS D 151 -11.92 -5.13 11.81
N TYR D 152 -11.15 -6.18 11.64
CA TYR D 152 -10.86 -7.11 12.71
C TYR D 152 -9.48 -6.82 13.29
N LEU D 153 -9.40 -6.78 14.62
CA LEU D 153 -8.17 -6.53 15.38
C LEU D 153 -7.67 -7.82 16.02
N TYR D 154 -6.36 -8.08 15.88
CA TYR D 154 -5.68 -9.19 16.56
C TYR D 154 -4.63 -8.65 17.48
N ARG D 155 -4.74 -8.94 18.76
CA ARG D 155 -3.92 -8.29 19.77
C ARG D 155 -3.27 -9.40 20.58
N ILE D 156 -1.96 -9.56 20.45
CA ILE D 156 -1.14 -10.50 21.20
C ILE D 156 -0.41 -9.64 22.23
N HIS D 157 -0.99 -9.55 23.40
CA HIS D 157 -0.50 -8.69 24.43
C HIS D 157 0.36 -9.35 25.46
N ARG D 158 1.40 -8.63 25.87
CA ARG D 158 2.38 -9.03 26.86
C ARG D 158 2.78 -10.47 27.04
N SER D 159 3.29 -11.07 25.99
CA SER D 159 3.71 -12.44 26.08
C SER D 159 5.11 -12.51 26.62
N PRO D 160 5.39 -13.39 27.58
CA PRO D 160 6.78 -13.31 28.05
C PRO D 160 7.81 -13.76 27.04
N LEU D 161 9.02 -13.24 27.19
CA LEU D 161 10.10 -13.57 26.29
C LEU D 161 10.70 -14.90 26.70
N CYS D 162 10.98 -15.80 25.74
CA CYS D 162 11.80 -17.02 25.95
C CYS D 162 12.96 -16.69 26.95
N GLU D 163 13.20 -17.57 27.90
CA GLU D 163 14.42 -17.46 28.72
C GLU D 163 15.71 -17.43 27.89
N TYR D 164 15.76 -18.16 26.77
CA TYR D 164 16.88 -17.98 25.81
C TYR D 164 17.19 -16.50 25.57
N MET D 165 16.20 -15.70 25.24
CA MET D 165 16.41 -14.30 24.90
C MET D 165 16.78 -13.41 26.07
N ILE D 166 16.24 -13.70 27.25
CA ILE D 166 16.59 -12.93 28.45
C ILE D 166 18.08 -13.14 28.72
N ASN D 167 18.49 -14.39 28.66
CA ASN D 167 19.90 -14.74 28.86
C ASN D 167 20.78 -14.09 27.77
N PHE D 168 20.33 -14.15 26.53
CA PHE D 168 21.07 -13.58 25.42
C PHE D 168 21.21 -12.05 25.61
N ILE D 169 20.11 -11.37 25.98
CA ILE D 169 20.15 -9.94 26.18
C ILE D 169 21.07 -9.55 27.33
N HIS D 170 21.05 -10.31 28.42
CA HIS D 170 21.92 -10.02 29.56
C HIS D 170 23.39 -10.07 29.13
N LYS D 171 23.77 -11.10 28.41
CA LYS D 171 25.14 -11.29 27.94
C LYS D 171 25.52 -10.31 26.84
N LEU D 172 24.59 -10.05 25.93
CA LEU D 172 24.83 -9.07 24.86
C LEU D 172 25.23 -7.71 25.45
N LYS D 173 24.42 -7.25 26.38
CA LYS D 173 24.65 -6.01 27.11
C LYS D 173 25.97 -5.93 27.89
N HIS D 174 26.48 -7.07 28.32
CA HIS D 174 27.73 -7.11 29.11
C HIS D 174 29.01 -7.16 28.28
N LEU D 175 28.95 -6.85 26.99
CA LEU D 175 30.14 -6.88 26.19
C LEU D 175 30.77 -5.50 26.16
N PRO D 176 32.11 -5.45 26.07
CA PRO D 176 32.80 -4.17 26.29
C PRO D 176 32.89 -3.26 25.10
N GLU D 177 32.72 -3.78 23.89
CA GLU D 177 32.94 -2.97 22.68
C GLU D 177 31.84 -3.26 21.71
N LYS D 178 31.36 -2.20 21.05
CA LYS D 178 30.21 -2.35 20.18
C LYS D 178 30.47 -3.18 18.92
N TYR D 179 31.71 -3.23 18.46
CA TYR D 179 32.04 -4.21 17.43
C TYR D 179 31.78 -5.67 17.84
N MET D 180 31.97 -6.00 19.12
CA MET D 180 31.72 -7.36 19.60
C MET D 180 30.24 -7.65 19.62
N MET D 181 29.45 -6.67 20.05
CA MET D 181 27.99 -6.78 20.03
C MET D 181 27.51 -7.09 18.63
N ASN D 182 28.06 -6.36 17.67
CA ASN D 182 27.69 -6.55 16.27
C ASN D 182 28.14 -7.90 15.73
N SER D 183 29.28 -8.42 16.15
CA SER D 183 29.69 -9.76 15.72
C SER D 183 28.74 -10.82 16.27
N VAL D 184 28.33 -10.67 17.53
CA VAL D 184 27.35 -11.54 18.10
C VAL D 184 26.00 -11.43 17.35
N LEU D 185 25.61 -10.23 16.98
CA LEU D 185 24.34 -10.05 16.30
C LEU D 185 24.33 -10.39 14.82
N GLU D 186 25.49 -10.40 14.16
CA GLU D 186 25.52 -10.62 12.70
C GLU D 186 24.97 -12.01 12.33
N ASN D 187 25.11 -13.00 13.18
CA ASN D 187 24.52 -14.32 12.94
C ASN D 187 23.38 -14.63 13.89
N PHE D 188 22.60 -13.62 14.22
CA PHE D 188 21.44 -13.80 15.09
C PHE D 188 20.27 -13.20 14.35
N THR D 189 19.25 -14.01 14.15
CA THR D 189 18.05 -13.54 13.46
C THR D 189 16.81 -14.08 14.15
N ILE D 190 15.70 -13.38 13.96
CA ILE D 190 14.39 -13.87 14.33
C ILE D 190 13.53 -13.91 13.09
N LEU D 191 12.76 -14.99 12.96
CA LEU D 191 11.79 -15.16 11.87
C LEU D 191 10.37 -15.21 12.45
N GLN D 192 9.55 -14.20 12.12
CA GLN D 192 8.15 -14.15 12.52
C GLN D 192 7.29 -14.63 11.37
N VAL D 193 6.44 -15.62 11.60
CA VAL D 193 5.47 -16.09 10.60
C VAL D 193 4.08 -16.08 11.19
N VAL D 194 3.21 -15.25 10.62
CA VAL D 194 1.80 -15.21 11.01
C VAL D 194 0.96 -15.99 10.02
N THR D 195 0.23 -16.98 10.48
CA THR D 195 -0.52 -17.87 9.58
C THR D 195 -1.98 -17.87 9.95
N ASN D 196 -2.84 -18.05 8.97
CA ASN D 196 -4.24 -18.36 9.17
C ASN D 196 -4.31 -19.83 9.61
N ARG D 197 -4.79 -20.07 10.82
CA ARG D 197 -4.79 -21.41 11.39
C ARG D 197 -5.64 -22.40 10.63
N ASP D 198 -6.76 -21.96 10.06
CA ASP D 198 -7.65 -22.87 9.31
C ASP D 198 -7.04 -23.28 7.95
N THR D 199 -6.86 -22.30 7.07
CA THR D 199 -6.33 -22.55 5.73
C THR D 199 -4.81 -22.55 5.70
N GLN D 200 -4.20 -22.15 6.82
CA GLN D 200 -2.75 -22.09 6.95
C GLN D 200 -2.12 -21.36 5.76
N GLU D 201 -2.60 -20.14 5.49
CA GLU D 201 -2.08 -19.33 4.39
C GLU D 201 -1.23 -18.24 5.02
N THR D 202 0.06 -18.23 4.69
CA THR D 202 0.95 -17.27 5.25
C THR D 202 0.33 -15.88 5.04
N LEU D 203 -0.01 -15.20 6.14
CA LEU D 203 -0.56 -13.85 6.15
C LEU D 203 0.51 -12.78 6.27
N LEU D 204 1.58 -13.10 6.99
CA LEU D 204 2.72 -12.22 7.08
C LEU D 204 3.94 -13.03 7.46
N CYS D 205 5.08 -12.70 6.86
CA CYS D 205 6.36 -13.28 7.28
C CYS D 205 7.35 -12.19 7.35
N ILE D 206 7.95 -12.00 8.54
CA ILE D 206 8.93 -10.95 8.72
C ILE D 206 10.21 -11.53 9.23
N ALA D 207 11.27 -11.24 8.48
CA ALA D 207 12.63 -11.64 8.82
C ALA D 207 13.34 -10.48 9.52
N TYR D 208 13.79 -10.71 10.75
CA TYR D 208 14.45 -9.67 11.51
C TYR D 208 15.98 -9.83 11.57
N VAL D 209 16.67 -8.73 11.34
CA VAL D 209 18.12 -8.72 11.51
C VAL D 209 18.50 -7.59 12.45
N PHE D 210 19.63 -7.76 13.15
CA PHE D 210 19.97 -6.86 14.27
C PHE D 210 21.35 -6.26 14.28
N GLU D 211 21.41 -5.01 14.65
CA GLU D 211 22.62 -4.40 15.18
C GLU D 211 22.20 -3.78 16.47
N VAL D 212 23.19 -3.23 17.17
CA VAL D 212 22.91 -2.45 18.36
C VAL D 212 22.93 -1.01 17.91
N SER D 213 22.09 -0.20 18.53
CA SER D 213 22.09 1.19 18.21
C SER D 213 23.38 1.88 18.63
N ALA D 214 23.91 2.71 17.72
CA ALA D 214 25.02 3.57 18.02
C ALA D 214 24.63 4.80 18.87
N SER D 215 23.33 5.11 19.05
CA SER D 215 22.95 6.17 20.02
C SER D 215 23.16 5.65 21.45
N GLU D 216 23.32 6.54 22.41
CA GLU D 216 23.46 6.08 23.79
C GLU D 216 22.09 5.57 24.28
N HIS D 217 21.02 6.25 23.85
CA HIS D 217 19.63 5.82 24.05
C HIS D 217 18.87 5.86 22.73
N GLY D 218 17.80 5.07 22.62
CA GLY D 218 16.91 5.05 21.46
C GLY D 218 17.05 3.88 20.50
N ALA D 219 15.94 3.29 20.10
CA ALA D 219 15.95 2.19 19.14
C ALA D 219 15.53 2.71 17.74
N GLN D 220 16.08 2.09 16.69
CA GLN D 220 15.75 2.45 15.32
C GLN D 220 15.38 1.21 14.49
N HIS D 221 14.70 1.45 13.38
CA HIS D 221 14.40 0.40 12.42
C HIS D 221 14.44 0.86 10.97
N HIS D 222 14.69 -0.08 10.07
CA HIS D 222 14.52 0.13 8.65
C HIS D 222 13.70 -1.05 8.10
N ILE D 223 12.69 -0.74 7.30
CA ILE D 223 11.76 -1.74 6.80
C ILE D 223 11.98 -1.92 5.32
N TYR D 224 12.21 -3.14 4.89
CA TYR D 224 12.37 -3.47 3.47
C TYR D 224 11.29 -4.49 3.12
N ARG D 225 10.92 -4.50 1.85
CA ARG D 225 10.02 -5.49 1.28
C ARG D 225 10.89 -6.55 0.58
N LEU D 226 10.71 -7.82 0.91
CA LEU D 226 11.49 -8.88 0.26
C LEU D 226 10.94 -9.23 -1.14
N VAL D 227 11.84 -9.42 -2.12
CA VAL D 227 11.44 -9.80 -3.48
C VAL D 227 12.26 -10.95 -4.08
N LYS D 228 11.64 -11.63 -5.07
CA LYS D 228 12.24 -12.58 -6.06
C LYS D 228 12.97 -13.79 -5.52
P PO4 E . 8.42 3.80 15.94
O1 PO4 E . 9.11 2.68 16.68
O2 PO4 E . 7.87 3.26 14.62
O3 PO4 E . 9.42 4.91 15.73
O4 PO4 E . 7.27 4.33 16.76
#